data_3N7Q
#
_entry.id   3N7Q
#
_cell.length_a   99.851
_cell.length_b   99.851
_cell.length_c   39.600
_cell.angle_alpha   90.00
_cell.angle_beta   90.00
_cell.angle_gamma   120.00
#
_symmetry.space_group_name_H-M   'P 32'
#
loop_
_entity.id
_entity.type
_entity.pdbx_description
1 polymer 'Transcription termination factor, mitochondrial'
2 polymer "DNA (5'-D(*GP*GP*CP*AP*GP*AP*GP*CP*CP*CP*GP*G)-3')"
3 polymer "DNA (5'-D(*CP*CP*GP*GP*GP*CP*TP*CP*TP*GP*CP*C)-3')"
4 non-polymer 'CITRIC ACID'
5 water water
#
loop_
_entity_poly.entity_id
_entity_poly.type
_entity_poly.pdbx_seq_one_letter_code
_entity_poly.pdbx_strand_id
1 'polypeptide(L)'
;MGSRMITNEQDLKMFLLSKGASKEVIASIISRYPRAITRTPENLSKRWDLWRKIVTSDLEIVNILERSPESFFRSNNNLN
LENNIKFLYSVGLTRKCLCRLLTNAPRTFSNSLDLNKQMVEFLQAAGLSLGHNDPADFVRKIIFKNPFILIQSTKRVKAN
IEFLRSTFNLNSEELLVLICGPGAEILDLSNDYARRSYANIKEKLFSLGCTEEEVQKFVLSYPDVIFLAEKKFNDKIDCL
MEENISISQIIENPRVLDSSISTLKSRIKELVNAGCNLSTLNITLLSWSKKRYEAKLKKLSRFAHHHHHH
;
A
2 'polydeoxyribonucleotide' (DG)(DG)(DC)(DA)(DG)(DA)(DG)(DC)(DC)(DC)(DG)(DG) B
3 'polydeoxyribonucleotide' (DC)(DC)(DG)(DG)(DG)(DC)(DT)(DC)(DT)(DG)(DC)(DC) C
#
loop_
_chem_comp.id
_chem_comp.type
_chem_comp.name
_chem_comp.formula
CIT non-polymer 'CITRIC ACID' 'C6 H8 O7'
DA DNA linking 2'-DEOXYADENOSINE-5'-MONOPHOSPHATE 'C10 H14 N5 O6 P'
DC DNA linking 2'-DEOXYCYTIDINE-5'-MONOPHOSPHATE 'C9 H14 N3 O7 P'
DG DNA linking 2'-DEOXYGUANOSINE-5'-MONOPHOSPHATE 'C10 H14 N5 O7 P'
DT DNA linking THYMIDINE-5'-MONOPHOSPHATE 'C10 H15 N2 O8 P'
#
# COMPACT_ATOMS: atom_id res chain seq x y z
N MET A 5 -27.80 -35.69 -11.71
CA MET A 5 -28.35 -34.64 -10.86
C MET A 5 -27.75 -33.27 -11.20
N ILE A 6 -27.33 -32.51 -10.17
CA ILE A 6 -26.70 -31.19 -10.36
C ILE A 6 -25.47 -30.95 -9.47
N THR A 7 -24.40 -30.46 -10.10
CA THR A 7 -23.07 -30.39 -9.49
C THR A 7 -22.79 -29.08 -8.73
N ASN A 8 -21.76 -29.12 -7.88
CA ASN A 8 -21.31 -27.92 -7.18
C ASN A 8 -21.14 -26.73 -8.10
N GLU A 9 -20.53 -26.99 -9.26
CA GLU A 9 -20.28 -25.97 -10.28
C GLU A 9 -21.59 -25.40 -10.83
N GLN A 10 -22.59 -26.26 -11.00
CA GLN A 10 -23.92 -25.84 -11.47
C GLN A 10 -24.51 -24.69 -10.67
N ASP A 11 -24.53 -24.86 -9.35
CA ASP A 11 -25.10 -23.87 -8.45
C ASP A 11 -24.44 -22.50 -8.62
N LEU A 12 -23.10 -22.50 -8.62
CA LEU A 12 -22.32 -21.27 -8.74
C LEU A 12 -22.50 -20.56 -10.09
N LYS A 13 -22.57 -21.35 -11.16
CA LYS A 13 -22.85 -20.83 -12.50
C LYS A 13 -24.21 -20.14 -12.54
N MET A 14 -25.23 -20.88 -12.11
CA MET A 14 -26.58 -20.34 -12.01
C MET A 14 -26.58 -19.01 -11.27
N PHE A 15 -25.99 -19.04 -10.08
CA PHE A 15 -26.01 -17.89 -9.18
C PHE A 15 -25.36 -16.72 -9.87
N LEU A 16 -24.19 -16.99 -10.44
CA LEU A 16 -23.33 -15.98 -11.04
C LEU A 16 -23.98 -15.39 -12.26
N LEU A 17 -24.64 -16.21 -13.08
CA LEU A 17 -25.37 -15.70 -14.23
C LEU A 17 -26.50 -14.77 -13.82
N SER A 18 -27.19 -15.13 -12.74
CA SER A 18 -28.28 -14.32 -12.23
C SER A 18 -27.77 -12.98 -11.69
N LYS A 19 -26.45 -12.81 -11.63
CA LYS A 19 -25.88 -11.54 -11.15
C LYS A 19 -25.38 -10.69 -12.28
N GLY A 20 -25.42 -11.25 -13.50
CA GLY A 20 -25.05 -10.51 -14.69
C GLY A 20 -23.67 -10.87 -15.19
N ALA A 21 -23.10 -11.94 -14.67
CA ALA A 21 -21.76 -12.38 -15.07
C ALA A 21 -21.77 -13.21 -16.35
N SER A 22 -20.93 -12.83 -17.32
CA SER A 22 -20.81 -13.54 -18.58
C SER A 22 -20.45 -15.00 -18.28
N LYS A 23 -20.78 -15.90 -19.20
CA LYS A 23 -20.44 -17.29 -19.01
C LYS A 23 -18.92 -17.45 -18.93
N GLU A 24 -18.21 -16.50 -19.53
CA GLU A 24 -16.75 -16.59 -19.57
C GLU A 24 -16.10 -16.19 -18.25
N VAL A 25 -16.40 -14.98 -17.78
CA VAL A 25 -15.91 -14.52 -16.49
C VAL A 25 -16.20 -15.58 -15.41
N ILE A 26 -17.39 -16.15 -15.46
CA ILE A 26 -17.76 -17.27 -14.59
C ILE A 26 -16.79 -18.46 -14.69
N ALA A 27 -16.50 -18.91 -15.90
CA ALA A 27 -15.49 -19.95 -16.11
C ALA A 27 -14.10 -19.50 -15.62
N SER A 28 -13.64 -18.33 -16.05
CA SER A 28 -12.38 -17.75 -15.58
C SER A 28 -12.24 -18.02 -14.10
N ILE A 29 -12.94 -17.18 -13.36
CA ILE A 29 -13.07 -17.25 -11.92
C ILE A 29 -13.09 -18.68 -11.38
N ILE A 30 -13.95 -19.52 -11.95
CA ILE A 30 -14.12 -20.87 -11.41
C ILE A 30 -12.83 -21.69 -11.41
N SER A 31 -12.05 -21.56 -12.49
CA SER A 31 -10.75 -22.24 -12.58
C SER A 31 -9.81 -21.74 -11.48
N ARG A 32 -9.83 -20.43 -11.23
CA ARG A 32 -8.92 -19.81 -10.28
C ARG A 32 -9.18 -20.12 -8.80
N TYR A 33 -10.41 -20.47 -8.44
CA TYR A 33 -10.71 -20.73 -7.02
C TYR A 33 -11.65 -21.93 -6.81
N PRO A 34 -11.07 -23.11 -6.55
CA PRO A 34 -11.81 -24.36 -6.34
C PRO A 34 -12.86 -24.24 -5.24
N ARG A 35 -12.51 -23.53 -4.17
CA ARG A 35 -13.33 -23.47 -2.97
C ARG A 35 -14.53 -22.55 -3.16
N ALA A 36 -14.51 -21.80 -4.26
CA ALA A 36 -15.66 -21.01 -4.69
C ALA A 36 -16.86 -21.93 -4.89
N ILE A 37 -16.61 -23.10 -5.45
CA ILE A 37 -17.67 -24.05 -5.78
C ILE A 37 -18.31 -24.72 -4.56
N THR A 38 -17.83 -24.38 -3.36
CA THR A 38 -18.28 -25.06 -2.14
C THR A 38 -19.14 -24.19 -1.18
N ARG A 39 -19.41 -22.95 -1.59
CA ARG A 39 -20.37 -22.09 -0.88
C ARG A 39 -21.82 -22.38 -1.35
N THR A 40 -22.78 -22.31 -0.42
CA THR A 40 -24.18 -22.65 -0.76
C THR A 40 -24.91 -21.50 -1.45
N PRO A 41 -25.93 -21.82 -2.27
CA PRO A 41 -26.78 -20.78 -2.84
C PRO A 41 -27.04 -19.65 -1.81
N GLU A 42 -27.47 -20.06 -0.61
CA GLU A 42 -27.83 -19.17 0.50
C GLU A 42 -26.67 -18.30 0.99
N ASN A 43 -25.59 -18.94 1.43
CA ASN A 43 -24.38 -18.24 1.85
C ASN A 43 -23.99 -17.15 0.86
N LEU A 44 -23.74 -17.56 -0.38
CA LEU A 44 -23.46 -16.70 -1.52
C LEU A 44 -24.35 -15.48 -1.65
N SER A 45 -25.65 -15.71 -1.55
CA SER A 45 -26.63 -14.69 -1.75
C SER A 45 -26.58 -13.69 -0.60
N LYS A 46 -26.29 -14.19 0.60
CA LYS A 46 -26.13 -13.29 1.74
C LYS A 46 -24.83 -12.48 1.66
N ARG A 47 -23.73 -13.13 1.30
CA ARG A 47 -22.47 -12.44 1.07
C ARG A 47 -22.64 -11.32 0.05
N TRP A 48 -23.33 -11.64 -1.05
CA TRP A 48 -23.53 -10.69 -2.13
C TRP A 48 -24.36 -9.51 -1.64
N ASP A 49 -25.41 -9.81 -0.89
CA ASP A 49 -26.29 -8.79 -0.36
C ASP A 49 -25.50 -7.86 0.53
N LEU A 50 -24.71 -8.47 1.41
CA LEU A 50 -23.81 -7.72 2.28
C LEU A 50 -22.84 -6.85 1.48
N TRP A 51 -22.21 -7.39 0.44
CA TRP A 51 -21.28 -6.61 -0.39
C TRP A 51 -21.97 -5.46 -1.08
N ARG A 52 -23.27 -5.60 -1.29
CA ARG A 52 -24.04 -4.56 -1.93
C ARG A 52 -24.35 -3.44 -0.96
N LYS A 53 -24.00 -3.65 0.32
CA LYS A 53 -24.13 -2.57 1.32
C LYS A 53 -23.07 -1.52 1.06
N ILE A 54 -22.02 -1.94 0.34
CA ILE A 54 -20.88 -1.10 -0.01
C ILE A 54 -20.85 -0.82 -1.51
N VAL A 55 -20.65 -1.88 -2.28
CA VAL A 55 -20.68 -1.83 -3.75
C VAL A 55 -22.09 -1.48 -4.23
N THR A 56 -22.19 -0.67 -5.28
CA THR A 56 -23.48 -0.13 -5.70
C THR A 56 -24.21 -0.92 -6.81
N SER A 57 -23.50 -1.84 -7.46
CA SER A 57 -24.09 -2.60 -8.55
C SER A 57 -23.50 -4.01 -8.59
N ASP A 58 -24.24 -4.96 -9.16
CA ASP A 58 -23.74 -6.34 -9.29
C ASP A 58 -22.58 -6.34 -10.28
N LEU A 59 -22.65 -5.43 -11.24
CA LEU A 59 -21.59 -5.20 -12.20
C LEU A 59 -20.25 -4.91 -11.51
N GLU A 60 -20.21 -3.83 -10.74
CA GLU A 60 -19.03 -3.53 -9.94
C GLU A 60 -18.57 -4.79 -9.22
N ILE A 61 -19.50 -5.44 -8.53
CA ILE A 61 -19.13 -6.60 -7.72
C ILE A 61 -18.42 -7.59 -8.60
N VAL A 62 -18.96 -7.80 -9.80
CA VAL A 62 -18.36 -8.77 -10.72
C VAL A 62 -16.90 -8.46 -11.08
N ASN A 63 -16.62 -7.25 -11.55
CA ASN A 63 -15.25 -6.90 -11.88
C ASN A 63 -14.34 -7.41 -10.77
N ILE A 64 -14.67 -7.02 -9.55
CA ILE A 64 -13.92 -7.41 -8.39
C ILE A 64 -13.65 -8.89 -8.35
N LEU A 65 -14.70 -9.69 -8.52
CA LEU A 65 -14.54 -11.14 -8.40
C LEU A 65 -13.67 -11.66 -9.51
N GLU A 66 -13.54 -10.87 -10.57
CA GLU A 66 -12.80 -11.27 -11.75
C GLU A 66 -11.31 -11.00 -11.57
N ARG A 67 -10.99 -9.89 -10.89
CA ARG A 67 -9.61 -9.58 -10.56
C ARG A 67 -9.23 -10.28 -9.28
N SER A 68 -10.21 -10.51 -8.41
CA SER A 68 -9.92 -10.96 -7.05
C SER A 68 -10.98 -11.91 -6.49
N PRO A 69 -10.87 -13.19 -6.86
CA PRO A 69 -11.83 -14.23 -6.44
C PRO A 69 -11.75 -14.65 -4.97
N GLU A 70 -10.54 -14.75 -4.41
CA GLU A 70 -10.40 -15.14 -3.01
C GLU A 70 -11.02 -14.03 -2.17
N SER A 71 -10.97 -12.82 -2.72
CA SER A 71 -11.53 -11.63 -2.11
C SER A 71 -12.95 -11.91 -1.62
N PHE A 72 -13.68 -12.70 -2.41
CA PHE A 72 -15.08 -13.00 -2.11
C PHE A 72 -15.29 -14.41 -1.57
N PHE A 73 -14.53 -15.37 -2.09
CA PHE A 73 -14.87 -16.77 -1.84
C PHE A 73 -14.09 -17.39 -0.69
N ARG A 74 -13.27 -16.58 -0.03
CA ARG A 74 -12.37 -17.07 1.00
C ARG A 74 -13.14 -17.46 2.24
N SER A 75 -13.66 -16.45 2.93
CA SER A 75 -14.37 -16.65 4.17
C SER A 75 -15.85 -16.88 3.86
N ASN A 76 -16.51 -17.69 4.67
CA ASN A 76 -17.95 -17.80 4.53
C ASN A 76 -18.62 -17.24 5.78
N ASN A 77 -17.94 -16.31 6.45
CA ASN A 77 -18.53 -15.72 7.64
C ASN A 77 -19.31 -14.44 7.40
N ASN A 78 -20.58 -14.62 7.11
CA ASN A 78 -21.46 -13.53 6.80
C ASN A 78 -21.82 -12.71 8.03
N LEU A 79 -21.80 -13.34 9.20
CA LEU A 79 -22.18 -12.63 10.41
C LEU A 79 -21.07 -11.66 10.83
N ASN A 80 -19.83 -12.14 10.79
CA ASN A 80 -18.66 -11.32 11.01
C ASN A 80 -18.62 -10.17 10.01
N LEU A 81 -18.75 -10.53 8.75
CA LEU A 81 -18.80 -9.60 7.65
C LEU A 81 -19.88 -8.53 7.87
N GLU A 82 -21.05 -8.97 8.28
CA GLU A 82 -22.16 -8.07 8.52
C GLU A 82 -21.87 -7.13 9.69
N ASN A 83 -21.37 -7.67 10.80
CA ASN A 83 -21.06 -6.81 11.95
C ASN A 83 -19.98 -5.73 11.67
N ASN A 84 -19.02 -6.06 10.80
CA ASN A 84 -17.91 -5.17 10.48
C ASN A 84 -18.43 -4.01 9.63
N ILE A 85 -19.27 -4.34 8.68
CA ILE A 85 -19.95 -3.36 7.86
C ILE A 85 -20.79 -2.41 8.72
N LYS A 86 -21.62 -2.96 9.60
CA LYS A 86 -22.39 -2.14 10.51
C LYS A 86 -21.45 -1.23 11.34
N PHE A 87 -20.43 -1.84 11.94
CA PHE A 87 -19.62 -1.09 12.87
C PHE A 87 -18.85 -0.01 12.18
N LEU A 88 -18.27 -0.37 11.04
CA LEU A 88 -17.42 0.55 10.30
C LEU A 88 -18.22 1.76 9.83
N TYR A 89 -19.41 1.50 9.31
CA TYR A 89 -20.32 2.57 8.89
C TYR A 89 -20.66 3.47 10.08
N SER A 90 -20.88 2.83 11.23
CA SER A 90 -21.37 3.52 12.42
C SER A 90 -20.37 4.55 12.91
N VAL A 91 -19.08 4.20 12.87
CA VAL A 91 -18.07 5.13 13.35
C VAL A 91 -17.83 6.21 12.30
N GLY A 92 -18.66 6.20 11.27
CA GLY A 92 -18.72 7.30 10.33
C GLY A 92 -17.78 7.21 9.15
N LEU A 93 -17.31 6.02 8.83
CA LEU A 93 -16.56 5.88 7.59
C LEU A 93 -17.53 6.05 6.41
N THR A 94 -16.97 6.26 5.24
CA THR A 94 -17.77 6.59 4.08
C THR A 94 -17.89 5.37 3.17
N ARG A 95 -18.85 5.38 2.25
CA ARG A 95 -19.00 4.27 1.31
C ARG A 95 -17.72 3.98 0.51
N LYS A 96 -16.99 5.04 0.19
CA LYS A 96 -15.76 4.97 -0.60
C LYS A 96 -14.67 4.26 0.16
N CYS A 97 -14.60 4.56 1.43
CA CYS A 97 -13.57 4.04 2.30
C CYS A 97 -13.79 2.52 2.40
N LEU A 98 -15.06 2.14 2.55
CA LEU A 98 -15.40 0.74 2.71
C LEU A 98 -15.14 -0.01 1.41
N CYS A 99 -15.32 0.69 0.28
CA CYS A 99 -15.04 0.12 -1.04
C CYS A 99 -13.55 -0.06 -1.23
N ARG A 100 -12.79 0.90 -0.74
CA ARG A 100 -11.35 0.87 -0.84
C ARG A 100 -10.83 -0.27 0.03
N LEU A 101 -11.42 -0.40 1.21
CA LEU A 101 -11.04 -1.47 2.11
C LEU A 101 -11.33 -2.80 1.45
N LEU A 102 -12.54 -2.92 0.92
CA LEU A 102 -13.00 -4.08 0.22
C LEU A 102 -12.01 -4.54 -0.85
N THR A 103 -11.61 -3.59 -1.71
CA THR A 103 -10.77 -3.89 -2.87
C THR A 103 -9.29 -3.95 -2.55
N ASN A 104 -8.88 -3.40 -1.40
CA ASN A 104 -7.46 -3.43 -1.01
C ASN A 104 -7.14 -4.35 0.17
N ALA A 105 -8.02 -4.34 1.17
CA ALA A 105 -7.84 -5.11 2.38
C ALA A 105 -9.11 -5.88 2.78
N PRO A 106 -9.57 -6.78 1.89
CA PRO A 106 -10.73 -7.66 2.12
C PRO A 106 -10.76 -8.35 3.49
N ARG A 107 -9.61 -8.79 3.99
CA ARG A 107 -9.58 -9.57 5.22
C ARG A 107 -10.00 -8.72 6.42
N THR A 108 -10.12 -7.43 6.19
CA THR A 108 -10.66 -6.53 7.18
C THR A 108 -12.02 -7.00 7.61
N PHE A 109 -12.79 -7.52 6.66
CA PHE A 109 -14.17 -7.87 6.91
C PHE A 109 -14.31 -9.30 7.41
N SER A 110 -13.27 -10.11 7.23
CA SER A 110 -13.30 -11.46 7.81
C SER A 110 -12.64 -11.39 9.18
N ASN A 111 -12.05 -10.24 9.47
CA ASN A 111 -11.47 -9.95 10.78
C ASN A 111 -12.45 -10.13 11.93
N SER A 112 -11.88 -10.12 13.14
CA SER A 112 -12.69 -10.11 14.34
C SER A 112 -13.16 -8.68 14.52
N LEU A 113 -14.44 -8.55 14.84
CA LEU A 113 -15.04 -7.24 15.00
C LEU A 113 -14.34 -6.57 16.14
N ASP A 114 -13.94 -7.36 17.14
CA ASP A 114 -13.26 -6.77 18.29
C ASP A 114 -11.95 -6.17 17.87
N LEU A 115 -11.20 -6.88 17.05
CA LEU A 115 -9.95 -6.33 16.51
C LEU A 115 -10.14 -4.97 15.84
N ASN A 116 -11.08 -4.86 14.90
CA ASN A 116 -11.32 -3.57 14.22
C ASN A 116 -11.77 -2.49 15.19
N LYS A 117 -12.62 -2.86 16.12
CA LYS A 117 -13.04 -1.96 17.15
C LYS A 117 -11.83 -1.45 17.90
N GLN A 118 -10.91 -2.34 18.21
CA GLN A 118 -9.72 -1.95 18.94
C GLN A 118 -8.80 -0.98 18.19
N MET A 119 -8.70 -1.16 16.87
CA MET A 119 -7.85 -0.29 16.11
C MET A 119 -8.49 1.09 15.93
N VAL A 120 -9.79 1.12 15.65
CA VAL A 120 -10.52 2.38 15.53
C VAL A 120 -10.46 3.11 16.86
N GLU A 121 -10.66 2.35 17.93
CA GLU A 121 -10.53 2.92 19.26
C GLU A 121 -9.15 3.55 19.37
N PHE A 122 -8.12 2.84 18.93
CA PHE A 122 -6.76 3.42 18.93
C PHE A 122 -6.59 4.67 18.05
N LEU A 123 -7.17 4.59 16.86
CA LEU A 123 -7.02 5.66 15.91
C LEU A 123 -7.68 6.91 16.46
N GLN A 124 -8.76 6.72 17.21
CA GLN A 124 -9.39 7.83 17.91
C GLN A 124 -8.47 8.41 18.98
N ALA A 125 -7.87 7.53 19.79
CA ALA A 125 -6.93 8.00 20.80
C ALA A 125 -5.80 8.80 20.18
N ALA A 126 -5.37 8.43 18.98
CA ALA A 126 -4.25 9.10 18.34
C ALA A 126 -4.59 10.48 17.74
N GLY A 127 -5.69 10.57 17.00
CA GLY A 127 -6.12 11.87 16.49
C GLY A 127 -6.28 12.82 17.67
N LEU A 128 -6.79 12.30 18.79
CA LEU A 128 -6.98 13.13 19.98
C LEU A 128 -5.65 13.68 20.47
N SER A 129 -4.75 12.76 20.80
CA SER A 129 -3.50 13.09 21.45
C SER A 129 -2.49 13.73 20.52
N LEU A 130 -2.97 14.07 19.33
CA LEU A 130 -2.16 14.82 18.38
C LEU A 130 -2.72 16.22 18.23
N GLY A 131 -3.56 16.58 19.21
CA GLY A 131 -4.17 17.90 19.26
C GLY A 131 -5.40 18.04 18.38
N HIS A 132 -6.12 16.94 18.19
CA HIS A 132 -7.35 16.98 17.40
C HIS A 132 -8.58 16.93 18.27
N ASN A 133 -9.37 17.98 18.15
CA ASN A 133 -10.67 18.08 18.80
C ASN A 133 -11.50 16.83 18.47
N ASP A 134 -12.08 16.81 17.28
CA ASP A 134 -12.79 15.63 16.76
C ASP A 134 -11.77 14.82 15.94
N PRO A 135 -11.50 13.58 16.37
CA PRO A 135 -10.49 12.80 15.67
C PRO A 135 -11.11 12.16 14.44
N ALA A 136 -12.37 12.48 14.16
CA ALA A 136 -13.09 11.70 13.16
C ALA A 136 -12.47 11.84 11.78
N ASP A 137 -12.06 13.05 11.42
CA ASP A 137 -11.42 13.28 10.13
C ASP A 137 -10.08 12.56 10.01
N PHE A 138 -9.26 12.66 11.04
CA PHE A 138 -7.99 11.94 11.11
C PHE A 138 -8.14 10.45 10.80
N VAL A 139 -9.03 9.81 11.57
CA VAL A 139 -9.34 8.39 11.41
C VAL A 139 -9.72 8.05 9.97
N ARG A 140 -10.60 8.87 9.40
CA ARG A 140 -11.02 8.66 8.03
C ARG A 140 -9.84 8.84 7.07
N LYS A 141 -9.10 9.92 7.26
CA LYS A 141 -8.00 10.22 6.34
C LYS A 141 -6.93 9.14 6.41
N ILE A 142 -6.58 8.73 7.63
CA ILE A 142 -5.60 7.66 7.77
C ILE A 142 -6.08 6.33 7.21
N ILE A 143 -7.33 5.97 7.41
CA ILE A 143 -7.80 4.67 6.89
C ILE A 143 -7.91 4.69 5.38
N PHE A 144 -8.32 5.81 4.84
CA PHE A 144 -8.31 5.98 3.39
C PHE A 144 -6.90 5.99 2.80
N LYS A 145 -5.94 6.51 3.52
CA LYS A 145 -4.60 6.58 2.97
C LYS A 145 -3.81 5.27 3.19
N ASN A 146 -4.29 4.43 4.11
CA ASN A 146 -3.62 3.18 4.49
C ASN A 146 -4.66 2.11 4.88
N PRO A 147 -5.32 1.54 3.89
CA PRO A 147 -6.49 0.72 4.21
C PRO A 147 -6.06 -0.64 4.83
N PHE A 148 -4.77 -0.92 4.78
CA PHE A 148 -4.19 -2.11 5.38
C PHE A 148 -4.08 -1.99 6.90
N ILE A 149 -4.38 -0.81 7.40
CA ILE A 149 -4.18 -0.47 8.82
C ILE A 149 -5.09 -1.21 9.80
N LEU A 150 -6.33 -1.48 9.42
CA LEU A 150 -7.22 -2.19 10.31
C LEU A 150 -6.82 -3.65 10.53
N ILE A 151 -5.99 -4.19 9.62
CA ILE A 151 -5.50 -5.55 9.75
C ILE A 151 -4.11 -5.64 10.43
N GLN A 152 -3.68 -4.53 11.02
CA GLN A 152 -2.48 -4.54 11.84
C GLN A 152 -2.89 -4.62 13.32
N SER A 153 -1.97 -5.08 14.15
CA SER A 153 -2.17 -4.94 15.59
C SER A 153 -1.91 -3.47 15.97
N THR A 154 -2.61 -3.00 16.98
CA THR A 154 -2.40 -1.68 17.51
C THR A 154 -1.01 -1.56 18.16
N LYS A 155 -0.48 -2.70 18.62
CA LYS A 155 0.84 -2.67 19.18
C LYS A 155 1.85 -2.35 18.10
N ARG A 156 1.65 -2.90 16.91
CA ARG A 156 2.57 -2.65 15.83
C ARG A 156 2.46 -1.19 15.43
N VAL A 157 1.24 -0.79 15.21
CA VAL A 157 0.94 0.54 14.76
C VAL A 157 1.41 1.54 15.79
N LYS A 158 1.11 1.29 17.07
CA LYS A 158 1.54 2.14 18.16
C LYS A 158 3.06 2.29 18.19
N ALA A 159 3.78 1.18 18.03
CA ALA A 159 5.25 1.28 18.13
C ALA A 159 5.92 2.07 16.99
N ASN A 160 5.32 2.02 15.81
CA ASN A 160 5.87 2.56 14.59
C ASN A 160 5.71 4.08 14.58
N ILE A 161 4.56 4.53 15.08
CA ILE A 161 4.32 5.92 15.34
C ILE A 161 5.34 6.46 16.34
N GLU A 162 5.61 5.72 17.40
CA GLU A 162 6.54 6.22 18.38
C GLU A 162 7.91 6.25 17.78
N PHE A 163 8.22 5.20 17.03
CA PHE A 163 9.48 5.17 16.28
C PHE A 163 9.71 6.37 15.35
N LEU A 164 8.77 6.66 14.47
CA LEU A 164 8.82 7.88 13.64
C LEU A 164 9.05 9.10 14.50
N ARG A 165 8.21 9.25 15.51
CA ARG A 165 8.19 10.45 16.33
C ARG A 165 9.55 10.82 16.95
N SER A 166 10.18 9.87 17.60
CA SER A 166 11.41 10.20 18.31
C SER A 166 12.64 10.15 17.42
N THR A 167 12.66 9.26 16.43
CA THR A 167 13.82 9.18 15.52
C THR A 167 14.01 10.50 14.80
N PHE A 168 12.88 11.14 14.51
CA PHE A 168 12.81 12.24 13.59
C PHE A 168 12.46 13.51 14.32
N ASN A 169 12.29 13.40 15.63
CA ASN A 169 12.05 14.54 16.47
C ASN A 169 10.90 15.41 15.95
N LEU A 170 9.85 14.72 15.53
CA LEU A 170 8.67 15.31 14.97
C LEU A 170 7.80 15.74 16.12
N ASN A 171 6.98 16.76 15.88
CA ASN A 171 5.99 17.22 16.85
C ASN A 171 4.65 16.65 16.42
N SER A 172 3.56 17.04 17.09
CA SER A 172 2.24 16.44 16.79
C SER A 172 1.80 16.69 15.36
N GLU A 173 2.03 17.92 14.90
CA GLU A 173 1.59 18.32 13.60
C GLU A 173 2.43 17.60 12.54
N GLU A 174 3.74 17.61 12.75
CA GLU A 174 4.65 16.97 11.82
C GLU A 174 4.37 15.46 11.72
N LEU A 175 4.11 14.82 12.87
CA LEU A 175 3.89 13.37 12.87
C LEU A 175 2.63 13.06 12.11
N LEU A 176 1.59 13.85 12.37
CA LEU A 176 0.32 13.72 11.68
C LEU A 176 0.43 13.70 10.17
N VAL A 177 1.07 14.72 9.60
CA VAL A 177 1.22 14.72 8.15
C VAL A 177 1.97 13.48 7.69
N LEU A 178 3.10 13.22 8.33
CA LEU A 178 3.88 12.01 8.05
C LEU A 178 3.00 10.77 7.85
N ILE A 179 2.19 10.45 8.86
CA ILE A 179 1.45 9.19 8.83
C ILE A 179 0.10 9.24 8.08
N CYS A 180 -0.34 10.42 7.67
CA CYS A 180 -1.52 10.47 6.81
C CYS A 180 -1.10 10.65 5.37
N GLY A 181 0.19 10.90 5.17
CA GLY A 181 0.75 11.01 3.85
C GLY A 181 1.91 10.07 3.59
N PRO A 182 3.13 10.62 3.43
CA PRO A 182 4.32 9.88 2.94
C PRO A 182 4.65 8.63 3.77
N GLY A 183 4.56 8.74 5.10
CA GLY A 183 4.99 7.64 5.95
C GLY A 183 3.91 6.66 6.30
N ALA A 184 2.78 6.73 5.60
CA ALA A 184 1.59 6.01 5.99
C ALA A 184 1.78 4.47 6.00
N GLU A 185 2.35 3.95 4.92
CA GLU A 185 2.45 2.53 4.75
C GLU A 185 3.42 1.97 5.79
N ILE A 186 4.36 2.80 6.18
CA ILE A 186 5.32 2.51 7.23
C ILE A 186 4.68 1.89 8.49
N LEU A 187 3.47 2.31 8.83
CA LEU A 187 2.89 1.83 10.08
C LEU A 187 2.52 0.34 10.00
N ASP A 188 2.59 -0.21 8.80
CA ASP A 188 2.19 -1.58 8.54
C ASP A 188 3.38 -2.52 8.60
N LEU A 189 4.57 -1.96 8.80
CA LEU A 189 5.77 -2.76 8.86
C LEU A 189 5.98 -3.34 10.24
N SER A 190 6.59 -4.51 10.27
CA SER A 190 7.15 -4.97 11.53
C SER A 190 8.06 -3.88 12.10
N ASN A 191 7.78 -3.50 13.34
CA ASN A 191 8.56 -2.54 14.12
C ASN A 191 10.03 -2.84 14.15
N ASP A 192 10.35 -4.11 14.32
CA ASP A 192 11.72 -4.53 14.39
C ASP A 192 12.45 -4.35 13.08
N TYR A 193 11.74 -4.66 12.00
CA TYR A 193 12.26 -4.47 10.66
C TYR A 193 12.44 -3.01 10.38
N ALA A 194 11.47 -2.20 10.79
CA ALA A 194 11.54 -0.76 10.55
C ALA A 194 12.74 -0.15 11.31
N ARG A 195 13.00 -0.68 12.49
CA ARG A 195 14.07 -0.19 13.34
C ARG A 195 15.46 -0.52 12.75
N ARG A 196 15.50 -1.61 11.98
CA ARG A 196 16.76 -2.10 11.38
C ARG A 196 16.94 -1.58 9.98
N SER A 197 15.83 -1.38 9.31
CA SER A 197 15.87 -0.74 8.01
C SER A 197 16.56 0.63 8.12
N TYR A 198 16.02 1.47 9.00
CA TYR A 198 16.55 2.82 9.15
C TYR A 198 17.95 2.78 9.74
N ALA A 199 18.26 1.80 10.58
CA ALA A 199 19.61 1.72 11.11
C ALA A 199 20.60 1.48 9.97
N ASN A 200 20.23 0.63 9.02
CA ASN A 200 21.12 0.32 7.90
C ASN A 200 21.33 1.53 6.99
N ILE A 201 20.25 2.20 6.61
CA ILE A 201 20.32 3.45 5.85
C ILE A 201 21.29 4.45 6.51
N LYS A 202 21.07 4.75 7.79
CA LYS A 202 21.95 5.64 8.51
C LYS A 202 23.43 5.24 8.38
N GLU A 203 23.77 3.98 8.69
CA GLU A 203 25.15 3.48 8.60
C GLU A 203 25.73 3.55 7.19
N LYS A 204 24.87 3.29 6.21
CA LYS A 204 25.26 3.25 4.82
C LYS A 204 25.50 4.66 4.23
N LEU A 205 24.66 5.62 4.63
CA LEU A 205 24.81 7.00 4.16
C LEU A 205 25.89 7.75 4.92
N PHE A 206 26.02 7.49 6.21
CA PHE A 206 27.07 8.10 6.97
C PHE A 206 28.44 7.70 6.41
N SER A 207 28.60 6.41 6.18
CA SER A 207 29.83 5.87 5.64
C SER A 207 30.16 6.48 4.25
N LEU A 208 29.16 7.06 3.61
CA LEU A 208 29.39 7.76 2.36
C LEU A 208 29.63 9.25 2.60
N GLY A 209 29.69 9.66 3.87
CA GLY A 209 29.95 11.03 4.23
C GLY A 209 28.81 11.81 4.83
N CYS A 210 27.58 11.31 4.75
CA CYS A 210 26.41 12.11 5.15
C CYS A 210 26.30 12.43 6.63
N THR A 211 25.60 13.52 6.87
CA THR A 211 25.36 14.09 8.18
C THR A 211 24.07 13.52 8.67
N GLU A 212 23.86 13.64 9.98
CA GLU A 212 22.55 13.41 10.57
C GLU A 212 21.43 14.12 9.78
N GLU A 213 21.54 15.44 9.66
CA GLU A 213 20.50 16.24 9.03
C GLU A 213 20.16 15.70 7.68
N GLU A 214 21.20 15.51 6.90
CA GLU A 214 21.07 15.04 5.53
C GLU A 214 20.34 13.69 5.44
N VAL A 215 20.62 12.80 6.40
CA VAL A 215 19.92 11.51 6.51
C VAL A 215 18.46 11.66 6.90
N GLN A 216 18.18 12.47 7.93
CA GLN A 216 16.78 12.66 8.37
C GLN A 216 15.94 13.10 7.22
N LYS A 217 16.46 14.08 6.47
CA LYS A 217 15.68 14.68 5.40
C LYS A 217 15.48 13.66 4.34
N PHE A 218 16.56 12.97 3.99
CA PHE A 218 16.45 11.91 3.01
C PHE A 218 15.29 10.96 3.34
N VAL A 219 15.28 10.42 4.56
CA VAL A 219 14.25 9.43 4.86
C VAL A 219 12.90 10.10 4.93
N LEU A 220 12.87 11.32 5.47
CA LEU A 220 11.59 12.00 5.62
C LEU A 220 10.94 12.27 4.28
N SER A 221 11.77 12.52 3.28
CA SER A 221 11.28 12.93 1.96
C SER A 221 10.76 11.74 1.17
N TYR A 222 11.17 10.55 1.56
CA TYR A 222 10.66 9.37 0.91
C TYR A 222 10.74 8.18 1.86
N PRO A 223 9.81 8.13 2.83
CA PRO A 223 9.78 7.14 3.91
C PRO A 223 9.71 5.72 3.40
N ASP A 224 9.11 5.52 2.23
CA ASP A 224 8.97 4.15 1.72
C ASP A 224 10.32 3.55 1.34
N VAL A 225 11.41 4.30 1.56
CA VAL A 225 12.74 3.79 1.26
C VAL A 225 13.09 2.72 2.25
N ILE A 226 12.35 2.71 3.34
CA ILE A 226 12.63 1.86 4.47
C ILE A 226 12.15 0.45 4.12
N PHE A 227 11.32 0.39 3.08
CA PHE A 227 10.80 -0.88 2.63
C PHE A 227 11.86 -1.76 1.98
N LEU A 228 12.79 -1.14 1.25
CA LEU A 228 13.83 -1.90 0.59
C LEU A 228 14.59 -2.76 1.57
N ALA A 229 14.76 -4.03 1.23
CA ALA A 229 15.62 -4.89 2.03
C ALA A 229 17.00 -4.23 2.11
N GLU A 230 17.68 -4.44 3.22
CA GLU A 230 18.95 -3.78 3.52
C GLU A 230 20.00 -3.96 2.41
N LYS A 231 20.41 -5.20 2.17
CA LYS A 231 21.25 -5.51 1.02
C LYS A 231 20.75 -4.84 -0.28
N LYS A 232 19.45 -4.69 -0.46
CA LYS A 232 18.91 -4.18 -1.74
C LYS A 232 19.04 -2.66 -1.84
N PHE A 233 19.00 -2.00 -0.68
CA PHE A 233 19.23 -0.57 -0.61
C PHE A 233 20.74 -0.33 -0.78
N ASN A 234 21.53 -1.12 -0.06
CA ASN A 234 22.98 -1.02 -0.08
C ASN A 234 23.58 -1.25 -1.46
N ASP A 235 23.22 -2.39 -2.06
CA ASP A 235 23.54 -2.72 -3.44
C ASP A 235 23.15 -1.61 -4.39
N LYS A 236 21.94 -1.08 -4.22
CA LYS A 236 21.41 -0.13 -5.19
C LYS A 236 22.24 1.16 -5.20
N ILE A 237 22.48 1.77 -4.04
CA ILE A 237 23.32 2.96 -3.98
C ILE A 237 24.75 2.72 -4.47
N ASP A 238 25.31 1.55 -4.14
CA ASP A 238 26.66 1.18 -4.61
C ASP A 238 26.73 1.27 -6.12
N CYS A 239 25.66 0.85 -6.77
CA CYS A 239 25.52 0.94 -8.21
C CYS A 239 25.50 2.39 -8.70
N LEU A 240 24.75 3.25 -8.01
CA LEU A 240 24.56 4.62 -8.49
C LEU A 240 25.86 5.40 -8.49
N MET A 241 26.82 4.92 -7.70
CA MET A 241 28.06 5.64 -7.53
C MET A 241 29.17 5.08 -8.38
N GLU A 242 29.02 3.81 -8.75
CA GLU A 242 29.83 3.26 -9.80
C GLU A 242 29.55 4.05 -11.08
N GLU A 243 28.27 4.24 -11.42
CA GLU A 243 27.84 5.13 -12.52
C GLU A 243 28.14 6.58 -12.13
N ASN A 244 28.84 6.73 -11.02
CA ASN A 244 29.10 8.01 -10.36
C ASN A 244 28.03 9.08 -10.45
N ILE A 245 26.80 8.67 -10.14
CA ILE A 245 25.81 9.60 -9.64
C ILE A 245 26.30 9.95 -8.25
N SER A 246 26.21 11.22 -7.88
CA SER A 246 26.67 11.63 -6.56
C SER A 246 25.61 11.32 -5.49
N ILE A 247 26.06 10.96 -4.31
CA ILE A 247 25.17 10.85 -3.17
C ILE A 247 24.18 12.01 -3.09
N SER A 248 24.71 13.23 -3.14
CA SER A 248 23.86 14.40 -3.16
C SER A 248 22.75 14.20 -4.18
N GLN A 249 23.11 13.67 -5.34
CA GLN A 249 22.17 13.41 -6.43
C GLN A 249 21.12 12.38 -6.05
N ILE A 250 21.59 11.27 -5.50
CA ILE A 250 20.72 10.21 -5.01
C ILE A 250 19.73 10.79 -3.99
N ILE A 251 20.26 11.53 -3.02
CA ILE A 251 19.45 12.20 -2.00
C ILE A 251 18.49 13.28 -2.51
N GLU A 252 18.87 14.04 -3.52
CA GLU A 252 17.99 15.11 -4.00
C GLU A 252 16.77 14.55 -4.72
N ASN A 253 17.01 13.47 -5.46
CA ASN A 253 15.95 12.78 -6.19
C ASN A 253 15.87 11.35 -5.70
N PRO A 254 15.26 11.13 -4.53
CA PRO A 254 15.25 9.86 -3.81
C PRO A 254 14.53 8.74 -4.55
N ARG A 255 13.56 9.08 -5.38
CA ARG A 255 12.75 8.02 -5.96
C ARG A 255 13.44 7.22 -7.06
N VAL A 256 14.68 7.56 -7.40
CA VAL A 256 15.44 6.75 -8.35
C VAL A 256 15.62 5.35 -7.80
N LEU A 257 15.50 5.22 -6.48
CA LEU A 257 15.73 3.93 -5.82
C LEU A 257 14.50 3.03 -6.00
N ASP A 258 13.52 3.56 -6.74
CA ASP A 258 12.36 2.79 -7.15
C ASP A 258 12.68 1.85 -8.32
N SER A 259 13.58 2.28 -9.20
CA SER A 259 14.08 1.45 -10.30
C SER A 259 14.76 0.20 -9.74
N SER A 260 15.01 -0.79 -10.59
CA SER A 260 15.79 -1.93 -10.14
C SER A 260 17.24 -1.77 -10.57
N ILE A 261 18.12 -2.48 -9.85
CA ILE A 261 19.56 -2.42 -10.05
C ILE A 261 19.91 -2.38 -11.54
N SER A 262 19.22 -3.19 -12.32
CA SER A 262 19.57 -3.41 -13.72
C SER A 262 19.09 -2.32 -14.66
N THR A 263 18.09 -1.56 -14.22
CA THR A 263 17.38 -0.64 -15.11
C THR A 263 18.02 0.73 -15.24
N LEU A 264 18.24 1.37 -14.09
CA LEU A 264 18.94 2.64 -14.04
C LEU A 264 20.29 2.46 -14.71
N LYS A 265 20.96 1.38 -14.35
CA LYS A 265 22.26 1.00 -14.88
C LYS A 265 22.33 1.19 -16.40
N SER A 266 21.48 0.43 -17.08
CA SER A 266 21.57 0.32 -18.52
C SER A 266 20.94 1.51 -19.24
N ARG A 267 20.55 2.52 -18.46
CA ARG A 267 19.91 3.72 -19.01
C ARG A 267 20.85 4.95 -19.06
N ILE A 268 21.76 5.03 -18.11
CA ILE A 268 22.80 6.05 -18.17
C ILE A 268 23.86 5.57 -19.15
N LYS A 269 23.91 4.25 -19.31
CA LYS A 269 24.78 3.58 -20.26
C LYS A 269 24.27 3.87 -21.66
N GLU A 270 23.55 4.99 -21.78
CA GLU A 270 23.02 5.44 -23.04
C GLU A 270 22.77 6.94 -22.97
N LEU A 271 22.77 7.48 -21.76
CA LEU A 271 22.68 8.92 -21.56
C LEU A 271 24.07 9.52 -21.40
N VAL A 272 24.99 8.73 -20.88
CA VAL A 272 26.37 9.17 -20.80
C VAL A 272 27.21 8.39 -21.82
N ASN A 273 26.87 7.12 -22.00
CA ASN A 273 27.48 6.28 -23.03
C ASN A 273 27.19 6.77 -24.43
N ALA A 274 26.21 7.66 -24.56
CA ALA A 274 25.85 8.18 -25.87
C ALA A 274 26.33 9.61 -25.99
N GLY A 275 26.05 10.41 -24.96
CA GLY A 275 26.50 11.78 -24.93
C GLY A 275 25.54 12.76 -24.28
N CYS A 276 25.72 12.98 -22.98
CA CYS A 276 24.94 13.93 -22.21
C CYS A 276 25.75 14.31 -20.97
N ASN A 277 25.12 15.01 -20.02
CA ASN A 277 25.82 15.41 -18.81
C ASN A 277 25.19 14.86 -17.53
N LEU A 278 25.80 13.82 -16.97
CA LEU A 278 25.25 13.08 -15.85
C LEU A 278 25.09 13.97 -14.63
N SER A 279 26.17 14.62 -14.25
CA SER A 279 26.18 15.41 -13.04
C SER A 279 25.61 16.81 -13.28
N THR A 280 24.63 16.91 -14.18
CA THR A 280 23.88 18.14 -14.39
C THR A 280 22.40 17.86 -14.66
N LEU A 281 22.10 16.69 -15.22
CA LEU A 281 20.72 16.32 -15.48
C LEU A 281 20.06 15.83 -14.18
N ASN A 282 18.85 16.34 -13.92
CA ASN A 282 18.02 15.80 -12.85
C ASN A 282 17.53 14.42 -13.22
N ILE A 283 18.09 13.43 -12.53
CA ILE A 283 17.91 12.03 -12.85
C ILE A 283 16.52 11.55 -12.49
N THR A 284 15.58 12.49 -12.41
CA THR A 284 14.18 12.15 -12.17
C THR A 284 13.68 11.21 -13.28
N LEU A 285 14.17 11.43 -14.50
CA LEU A 285 13.81 10.62 -15.66
C LEU A 285 14.31 9.18 -15.52
N LEU A 286 15.40 9.01 -14.77
CA LEU A 286 15.98 7.70 -14.59
C LEU A 286 14.93 6.69 -14.22
N SER A 287 14.22 6.98 -13.12
CA SER A 287 13.15 6.12 -12.66
C SER A 287 11.98 6.09 -13.66
N TRP A 288 11.85 7.13 -14.49
CA TRP A 288 10.70 7.28 -15.40
C TRP A 288 10.30 6.05 -16.21
N SER A 289 9.13 6.14 -16.84
CA SER A 289 8.57 5.06 -17.66
C SER A 289 9.33 4.98 -18.99
N LYS A 290 9.41 3.80 -19.58
CA LYS A 290 10.09 3.67 -20.86
C LYS A 290 9.51 4.67 -21.86
N LYS A 291 8.20 4.57 -22.11
CA LYS A 291 7.51 5.52 -22.98
C LYS A 291 7.89 6.96 -22.60
N ARG A 292 8.06 7.17 -21.30
CA ARG A 292 8.29 8.50 -20.73
C ARG A 292 9.78 8.82 -20.61
N TYR A 293 10.62 7.82 -20.83
CA TYR A 293 12.05 8.04 -20.83
C TYR A 293 12.57 8.33 -22.25
N GLU A 294 12.39 7.36 -23.15
CA GLU A 294 12.75 7.48 -24.55
C GLU A 294 12.47 8.88 -25.13
N ALA A 295 11.32 9.44 -24.79
CA ALA A 295 10.90 10.72 -25.34
C ALA A 295 11.70 11.95 -24.84
N LYS A 296 12.45 11.80 -23.74
CA LYS A 296 13.30 12.89 -23.26
C LYS A 296 14.74 12.70 -23.72
N LEU A 297 15.22 11.46 -23.72
CA LEU A 297 16.51 11.12 -24.32
C LEU A 297 16.51 11.54 -25.79
N LYS A 298 15.31 11.74 -26.32
CA LYS A 298 15.07 12.28 -27.67
C LYS A 298 15.51 13.74 -27.77
N LYS A 299 14.88 14.58 -26.94
CA LYS A 299 15.19 16.00 -26.91
C LYS A 299 16.56 16.22 -26.28
N LEU A 300 17.11 15.17 -25.67
CA LEU A 300 18.42 15.26 -25.02
C LEU A 300 19.58 14.89 -25.94
N SER A 301 19.27 14.28 -27.08
CA SER A 301 20.31 13.98 -28.06
C SER A 301 20.88 15.26 -28.68
N ARG A 302 20.00 16.19 -29.05
CA ARG A 302 20.39 17.43 -29.70
C ARG A 302 21.16 18.36 -28.77
C1 CIT D . 3.00 -7.10 16.40
O1 CIT D . 2.70 -7.10 15.18
O2 CIT D . 2.14 -6.76 17.26
C2 CIT D . 4.36 -7.57 16.86
C3 CIT D . 5.50 -6.71 16.33
O7 CIT D . 5.40 -5.51 17.11
C4 CIT D . 6.86 -7.42 16.46
C5 CIT D . 8.03 -6.46 16.52
O3 CIT D . 8.77 -6.36 15.50
O4 CIT D . 8.31 -5.79 17.55
C6 CIT D . 5.37 -6.41 14.86
O5 CIT D . 5.33 -5.23 14.42
O6 CIT D . 5.31 -7.40 14.08
#